data_5YVN
#
_entry.id   5YVN
#
_cell.length_a   57.226
_cell.length_b   57.226
_cell.length_c   140.051
_cell.angle_alpha   90.00
_cell.angle_beta   90.00
_cell.angle_gamma   120.00
#
_symmetry.space_group_name_H-M   'P 31 2 1'
#
loop_
_entity.id
_entity.type
_entity.pdbx_description
1 polymer 'Glutathione S-transferase omega-1'
2 non-polymer GLUTATHIONE
3 non-polymer 'SULFATE ION'
4 non-polymer 'ACETATE ION'
5 water water
#
_entity_poly.entity_id   1
_entity_poly.type   'polypeptide(L)'
_entity_poly.pdbx_seq_one_letter_code
;MSGESARSLGKGSAPPGPVPEGSIRIYSMRFCPFAERTRLVLKAKGIRHEVININLKNKPEWFFKKNPFGLVPVLENSQG
QLIYESAITCEYLDEAYPGKKLLPDDPYEKACQKMILELFSKVPSLVGSFIRSQNKEDYAGLKEEFRKEFTKLEEVLTNK
KTTFFGGNSISMIDYLIWPWFERLEAMKLNECVDHTPKLKLWMAAMKEDPTVSALLTSEKDWQGFLELYLQNSPEACDYG
L
;
_entity_poly.pdbx_strand_id   A
#
loop_
_chem_comp.id
_chem_comp.type
_chem_comp.name
_chem_comp.formula
ACT non-polymer 'ACETATE ION' 'C2 H3 O2 -1'
GSH non-polymer GLUTATHIONE 'C10 H17 N3 O6 S'
SO4 non-polymer 'SULFATE ION' 'O4 S -2'
#
# COMPACT_ATOMS: atom_id res chain seq x y z
N GLU A 4 19.21 11.44 -1.31
CA GLU A 4 19.20 11.36 -2.76
C GLU A 4 19.41 9.94 -3.26
N SER A 5 19.76 9.04 -2.34
CA SER A 5 19.88 7.63 -2.66
C SER A 5 18.53 7.06 -3.10
N ALA A 6 17.46 7.70 -2.66
CA ALA A 6 16.10 7.24 -2.95
C ALA A 6 15.62 7.69 -4.33
N ARG A 7 16.40 8.51 -5.03
CA ARG A 7 15.99 8.97 -6.36
C ARG A 7 15.64 7.82 -7.28
N SER A 8 14.57 7.98 -8.05
CA SER A 8 14.07 6.92 -8.92
C SER A 8 14.96 6.67 -10.12
N LEU A 9 14.85 5.47 -10.65
CA LEU A 9 15.48 5.13 -11.92
C LEU A 9 14.43 5.21 -13.02
N GLY A 10 14.79 5.87 -14.11
CA GLY A 10 13.85 6.03 -15.22
C GLY A 10 14.45 5.67 -16.56
N LYS A 11 13.82 6.18 -17.62
CA LYS A 11 14.25 5.87 -18.98
C LYS A 11 15.72 6.22 -19.15
N GLY A 12 16.48 5.27 -19.72
CA GLY A 12 17.89 5.47 -19.95
C GLY A 12 18.78 4.96 -18.82
N SER A 13 18.21 4.69 -17.65
CA SER A 13 19.01 4.20 -16.54
C SER A 13 19.57 2.82 -16.86
N ALA A 14 20.72 2.49 -16.27
CA ALA A 14 21.33 1.18 -16.45
C ALA A 14 20.55 0.12 -15.70
N PRO A 15 20.37 -1.05 -16.31
CA PRO A 15 19.77 -2.16 -15.57
C PRO A 15 20.59 -2.47 -14.32
N PRO A 16 19.93 -2.67 -13.18
CA PRO A 16 20.66 -2.89 -11.93
C PRO A 16 21.32 -4.26 -11.87
N GLY A 17 22.31 -4.40 -11.01
CA GLY A 17 23.00 -5.66 -10.85
C GLY A 17 22.23 -6.63 -9.98
N PRO A 18 22.79 -7.81 -9.79
CA PRO A 18 22.15 -8.84 -8.96
C PRO A 18 21.93 -8.38 -7.52
N VAL A 19 20.86 -8.92 -6.93
CA VAL A 19 20.57 -8.71 -5.53
C VAL A 19 21.56 -9.52 -4.68
N PRO A 20 22.19 -8.88 -3.71
CA PRO A 20 23.17 -9.61 -2.91
C PRO A 20 22.54 -10.66 -1.99
N GLU A 21 23.26 -11.76 -1.79
CA GLU A 21 22.83 -12.78 -0.85
C GLU A 21 22.53 -12.15 0.51
N GLY A 22 21.45 -12.57 1.13
CA GLY A 22 21.08 -12.04 2.44
C GLY A 22 20.11 -10.87 2.39
N SER A 23 19.86 -10.33 1.19
CA SER A 23 18.91 -9.24 0.99
C SER A 23 17.88 -9.60 -0.05
N ILE A 24 16.73 -8.95 0.03
CA ILE A 24 15.78 -9.00 -1.05
C ILE A 24 15.59 -7.57 -1.55
N ARG A 25 15.25 -7.42 -2.82
CA ARG A 25 15.07 -6.09 -3.41
C ARG A 25 13.60 -5.85 -3.72
N ILE A 26 13.11 -4.66 -3.40
CA ILE A 26 11.80 -4.24 -3.87
C ILE A 26 11.96 -3.10 -4.89
N TYR A 27 11.30 -3.29 -6.04
CA TYR A 27 11.07 -2.22 -7.01
C TYR A 27 9.79 -1.54 -6.56
N SER A 28 9.88 -0.24 -6.28
CA SER A 28 8.86 0.47 -5.55
C SER A 28 8.66 1.86 -6.16
N MET A 29 7.81 2.63 -5.51
CA MET A 29 7.72 4.06 -5.75
C MET A 29 7.24 4.61 -4.41
N ARG A 30 7.82 5.71 -3.95
CA ARG A 30 7.63 6.12 -2.55
C ARG A 30 6.20 6.48 -2.20
N PHE A 31 5.39 6.82 -3.19
CA PHE A 31 4.03 7.26 -2.96
C PHE A 31 2.99 6.23 -3.46
N CYS A 32 3.45 5.05 -3.86
CA CYS A 32 2.54 4.01 -4.35
C CYS A 32 1.93 3.21 -3.19
N PRO A 33 0.58 3.19 -3.07
CA PRO A 33 -0.01 2.47 -1.94
C PRO A 33 0.13 0.95 -2.07
N PHE A 34 0.14 0.43 -3.29
CA PHE A 34 0.34 -1.01 -3.46
C PHE A 34 1.73 -1.41 -2.97
N ALA A 35 2.76 -0.61 -3.31
CA ALA A 35 4.11 -0.93 -2.88
C ALA A 35 4.28 -0.69 -1.38
N GLU A 36 3.50 0.24 -0.84
CA GLU A 36 3.58 0.45 0.61
C GLU A 36 3.15 -0.81 1.38
N ARG A 37 2.21 -1.58 0.82
CA ARG A 37 1.85 -2.87 1.43
C ARG A 37 3.11 -3.70 1.66
N THR A 38 3.87 -3.87 0.59
CA THR A 38 5.06 -4.71 0.61
C THR A 38 6.09 -4.15 1.59
N ARG A 39 6.25 -2.84 1.59
CA ARG A 39 7.23 -2.24 2.48
C ARG A 39 6.79 -2.35 3.95
N LEU A 40 5.49 -2.26 4.22
CA LEU A 40 4.99 -2.46 5.58
C LEU A 40 5.33 -3.89 6.05
N VAL A 41 5.14 -4.87 5.17
CA VAL A 41 5.45 -6.23 5.55
C VAL A 41 6.96 -6.42 5.74
N LEU A 42 7.78 -5.86 4.86
CA LEU A 42 9.23 -5.94 5.02
C LEU A 42 9.66 -5.40 6.38
N LYS A 43 9.08 -4.27 6.76
CA LYS A 43 9.44 -3.64 8.02
C LYS A 43 8.89 -4.44 9.21
N ALA A 44 7.63 -4.89 9.11
CA ALA A 44 7.01 -5.60 10.21
C ALA A 44 7.78 -6.88 10.53
N LYS A 45 8.29 -7.52 9.49
CA LYS A 45 9.01 -8.79 9.68
C LYS A 45 10.52 -8.62 9.84
N GLY A 46 11.02 -7.39 9.78
CA GLY A 46 12.44 -7.14 9.97
C GLY A 46 13.30 -7.77 8.88
N ILE A 47 12.81 -7.71 7.65
CA ILE A 47 13.52 -8.31 6.53
C ILE A 47 14.51 -7.32 5.90
N ARG A 48 15.78 -7.71 5.86
CA ARG A 48 16.81 -6.88 5.24
C ARG A 48 16.53 -6.74 3.76
N HIS A 49 16.54 -5.50 3.26
CA HIS A 49 16.16 -5.27 1.88
C HIS A 49 16.77 -4.02 1.30
N GLU A 50 16.79 -3.94 -0.02
CA GLU A 50 17.11 -2.72 -0.72
C GLU A 50 15.93 -2.29 -1.55
N VAL A 51 15.90 -1.01 -1.89
CA VAL A 51 14.81 -0.39 -2.59
C VAL A 51 15.32 0.25 -3.87
N ILE A 52 14.65 -0.05 -4.98
CA ILE A 52 14.84 0.72 -6.20
C ILE A 52 13.52 1.36 -6.55
N ASN A 53 13.48 2.69 -6.50
CA ASN A 53 12.28 3.40 -6.92
C ASN A 53 12.27 3.55 -8.44
N ILE A 54 11.09 3.34 -9.04
CA ILE A 54 10.90 3.40 -10.47
C ILE A 54 10.14 4.67 -10.83
N ASN A 55 10.63 5.41 -11.82
CA ASN A 55 9.90 6.56 -12.32
C ASN A 55 8.74 6.09 -13.17
N LEU A 56 7.54 6.04 -12.59
CA LEU A 56 6.40 5.45 -13.28
C LEU A 56 5.89 6.29 -14.45
N LYS A 57 6.29 7.55 -14.51
CA LYS A 57 5.94 8.42 -15.66
C LYS A 57 7.01 8.46 -16.73
N ASN A 58 8.10 7.73 -16.52
CA ASN A 58 9.22 7.72 -17.44
C ASN A 58 10.05 6.48 -17.18
N LYS A 59 9.45 5.31 -17.43
CA LYS A 59 9.98 4.04 -16.95
C LYS A 59 11.24 3.59 -17.67
N PRO A 60 12.13 2.90 -16.95
CA PRO A 60 13.23 2.21 -17.62
C PRO A 60 12.65 1.10 -18.47
N GLU A 61 13.16 0.95 -19.68
CA GLU A 61 12.73 -0.15 -20.55
C GLU A 61 12.98 -1.50 -19.87
N TRP A 62 14.11 -1.61 -19.18
CA TRP A 62 14.47 -2.87 -18.54
C TRP A 62 13.49 -3.28 -17.45
N PHE A 63 12.67 -2.36 -16.96
CA PHE A 63 11.77 -2.70 -15.87
C PHE A 63 10.71 -3.72 -16.32
N PHE A 64 10.39 -3.75 -17.60
CA PHE A 64 9.43 -4.73 -18.08
C PHE A 64 10.01 -6.14 -18.06
N LYS A 65 11.33 -6.26 -17.89
CA LYS A 65 11.96 -7.57 -17.69
C LYS A 65 11.75 -8.05 -16.26
N LYS A 66 11.46 -7.12 -15.35
CA LYS A 66 11.20 -7.48 -13.97
C LYS A 66 9.73 -7.86 -13.78
N ASN A 67 8.84 -7.19 -14.51
CA ASN A 67 7.40 -7.41 -14.43
C ASN A 67 6.81 -7.07 -15.79
N PRO A 68 6.26 -8.06 -16.52
CA PRO A 68 5.68 -7.79 -17.84
C PRO A 68 4.54 -6.77 -17.78
N PHE A 69 3.89 -6.63 -16.62
CA PHE A 69 2.83 -5.63 -16.45
C PHE A 69 3.39 -4.23 -16.26
N GLY A 70 4.67 -4.11 -15.94
CA GLY A 70 5.29 -2.81 -15.77
C GLY A 70 4.80 -2.03 -14.55
N LEU A 71 4.36 -2.76 -13.52
CA LEU A 71 3.87 -2.13 -12.30
C LEU A 71 4.76 -2.39 -11.11
N VAL A 72 4.69 -1.52 -10.12
CA VAL A 72 5.30 -1.76 -8.84
C VAL A 72 4.17 -2.06 -7.89
N PRO A 73 4.37 -2.91 -6.79
CA PRO A 73 5.72 -3.43 -6.46
C PRO A 73 6.14 -4.73 -7.16
N VAL A 74 7.46 -4.95 -7.13
CA VAL A 74 8.05 -6.20 -7.57
C VAL A 74 9.16 -6.57 -6.57
N LEU A 75 9.23 -7.84 -6.20
CA LEU A 75 10.36 -8.35 -5.43
C LEU A 75 11.34 -9.09 -6.32
N GLU A 76 12.63 -8.96 -6.06
CA GLU A 76 13.65 -9.77 -6.71
C GLU A 76 14.61 -10.24 -5.64
N ASN A 77 14.88 -11.55 -5.58
CA ASN A 77 15.81 -12.03 -4.57
C ASN A 77 17.17 -12.41 -5.16
N SER A 78 18.07 -12.91 -4.32
CA SER A 78 19.44 -13.17 -4.76
C SER A 78 19.51 -14.32 -5.76
N GLN A 79 18.51 -15.19 -5.78
CA GLN A 79 18.42 -16.27 -6.75
C GLN A 79 17.86 -15.80 -8.09
N GLY A 80 17.45 -14.54 -8.16
CA GLY A 80 16.93 -13.98 -9.39
C GLY A 80 15.44 -14.17 -9.58
N GLN A 81 14.75 -14.71 -8.58
CA GLN A 81 13.32 -14.92 -8.63
C GLN A 81 12.59 -13.58 -8.58
N LEU A 82 11.53 -13.44 -9.37
CA LEU A 82 10.75 -12.21 -9.46
C LEU A 82 9.31 -12.47 -9.06
N ILE A 83 8.79 -11.65 -8.18
CA ILE A 83 7.41 -11.79 -7.71
C ILE A 83 6.73 -10.42 -7.80
N TYR A 84 5.60 -10.37 -8.48
CA TYR A 84 4.81 -9.14 -8.61
C TYR A 84 3.36 -9.37 -8.14
N GLU A 85 2.63 -8.26 -8.07
CA GLU A 85 1.33 -8.12 -7.40
C GLU A 85 1.52 -8.02 -5.90
N SER A 86 1.12 -6.89 -5.40
CA SER A 86 1.34 -6.56 -4.00
C SER A 86 0.88 -7.65 -3.02
N ALA A 87 -0.34 -8.14 -3.15
CA ALA A 87 -0.81 -9.16 -2.21
C ALA A 87 0.03 -10.43 -2.27
N ILE A 88 0.43 -10.78 -3.48
CA ILE A 88 1.29 -11.96 -3.68
C ILE A 88 2.67 -11.74 -3.03
N THR A 89 3.25 -10.57 -3.23
CA THR A 89 4.54 -10.25 -2.59
C THR A 89 4.46 -10.31 -1.06
N CYS A 90 3.37 -9.85 -0.49
CA CYS A 90 3.20 -9.83 0.95
C CYS A 90 3.07 -11.27 1.51
N GLU A 91 2.25 -12.08 0.84
CA GLU A 91 2.07 -13.47 1.23
C GLU A 91 3.38 -14.22 1.10
N TYR A 92 4.13 -13.97 0.01
CA TYR A 92 5.43 -14.60 -0.16
C TYR A 92 6.39 -14.24 0.98
N LEU A 93 6.47 -12.96 1.31
CA LEU A 93 7.35 -12.55 2.39
C LEU A 93 6.99 -13.20 3.72
N ASP A 94 5.70 -13.30 4.02
CA ASP A 94 5.28 -13.88 5.29
C ASP A 94 5.69 -15.35 5.37
N GLU A 95 5.62 -16.05 4.24
CA GLU A 95 5.94 -17.47 4.17
C GLU A 95 7.44 -17.76 4.11
N ALA A 96 8.18 -16.90 3.43
CA ALA A 96 9.58 -17.18 3.14
C ALA A 96 10.57 -16.68 4.19
N TYR A 97 10.13 -15.84 5.11
CA TYR A 97 11.03 -15.22 6.09
C TYR A 97 10.57 -15.51 7.51
N PRO A 98 11.52 -15.52 8.46
CA PRO A 98 11.21 -15.87 9.85
C PRO A 98 10.60 -14.71 10.60
N GLY A 99 10.23 -14.99 11.84
CA GLY A 99 9.54 -14.03 12.68
C GLY A 99 8.11 -14.48 12.85
N LYS A 100 7.36 -13.75 13.65
CA LYS A 100 5.96 -14.06 13.85
C LYS A 100 5.21 -13.86 12.55
N LYS A 101 4.28 -14.76 12.27
CA LYS A 101 3.49 -14.69 11.06
C LYS A 101 2.53 -13.52 11.13
N LEU A 102 2.38 -12.84 10.00
CA LEU A 102 1.35 -11.85 9.83
C LEU A 102 0.03 -12.47 9.38
N LEU A 103 0.10 -13.65 8.78
CA LEU A 103 -1.11 -14.39 8.42
C LEU A 103 -1.31 -15.53 9.41
N PRO A 104 -2.57 -15.78 9.79
CA PRO A 104 -2.80 -16.87 10.74
C PRO A 104 -2.54 -18.24 10.10
N ASP A 105 -2.15 -19.20 10.93
CA ASP A 105 -1.94 -20.57 10.46
C ASP A 105 -3.25 -21.27 10.15
N ASP A 106 -4.30 -20.96 10.90
CA ASP A 106 -5.57 -21.64 10.71
C ASP A 106 -6.18 -21.36 9.34
N PRO A 107 -6.53 -22.43 8.58
CA PRO A 107 -7.07 -22.17 7.24
C PRO A 107 -8.31 -21.28 7.22
N TYR A 108 -9.27 -21.46 8.12
CA TYR A 108 -10.45 -20.61 8.08
C TYR A 108 -10.09 -19.16 8.40
N GLU A 109 -9.28 -18.93 9.42
CA GLU A 109 -8.96 -17.55 9.75
C GLU A 109 -8.14 -16.87 8.65
N LYS A 110 -7.30 -17.63 7.96
CA LYS A 110 -6.62 -17.08 6.79
C LYS A 110 -7.65 -16.71 5.71
N ALA A 111 -8.62 -17.58 5.48
CA ALA A 111 -9.65 -17.30 4.47
C ALA A 111 -10.44 -16.05 4.86
N CYS A 112 -10.66 -15.87 6.16
CA CYS A 112 -11.36 -14.67 6.62
C CYS A 112 -10.60 -13.41 6.27
N GLN A 113 -9.28 -13.42 6.45
CA GLN A 113 -8.50 -12.24 6.05
C GLN A 113 -8.65 -11.99 4.55
N LYS A 114 -8.65 -13.04 3.74
CA LYS A 114 -8.81 -12.87 2.30
C LYS A 114 -10.20 -12.36 1.95
N MET A 115 -11.23 -12.80 2.69
CA MET A 115 -12.58 -12.31 2.42
C MET A 115 -12.70 -10.83 2.79
N ILE A 116 -12.04 -10.41 3.86
CA ILE A 116 -12.04 -8.98 4.21
C ILE A 116 -11.33 -8.19 3.12
N LEU A 117 -10.25 -8.73 2.56
CA LEU A 117 -9.58 -8.06 1.46
C LEU A 117 -10.56 -7.89 0.30
N GLU A 118 -11.37 -8.92 0.05
CA GLU A 118 -12.40 -8.80 -0.97
C GLU A 118 -13.41 -7.69 -0.65
N LEU A 119 -13.84 -7.60 0.61
CA LEU A 119 -14.74 -6.53 1.03
C LEU A 119 -14.13 -5.14 0.76
N PHE A 120 -12.81 -5.04 0.90
CA PHE A 120 -12.06 -3.80 0.69
C PHE A 120 -11.81 -3.47 -0.79
N SER A 121 -11.97 -4.46 -1.65
CA SER A 121 -11.29 -4.41 -2.93
C SER A 121 -11.80 -3.35 -3.93
N LYS A 122 -12.96 -2.75 -3.68
CA LYS A 122 -13.42 -1.66 -4.54
C LYS A 122 -12.73 -0.33 -4.19
N VAL A 123 -12.14 -0.20 -3.02
CA VAL A 123 -11.59 1.07 -2.57
C VAL A 123 -10.47 1.67 -3.44
N PRO A 124 -9.46 0.79 -3.76
CA PRO A 124 -8.37 1.33 -4.62
C PRO A 124 -8.85 1.97 -5.92
N SER A 125 -9.84 1.42 -6.60
CA SER A 125 -10.31 2.03 -7.82
C SER A 125 -11.06 3.36 -7.54
N LEU A 126 -11.68 3.46 -6.40
CA LEU A 126 -12.37 4.70 -6.00
C LEU A 126 -11.39 5.82 -5.77
N VAL A 127 -10.24 5.49 -5.25
CA VAL A 127 -9.15 6.42 -5.17
C VAL A 127 -8.74 6.40 -6.65
N GLY A 128 -9.58 6.92 -7.53
CA GLY A 128 -9.53 6.89 -9.00
C GLY A 128 -10.72 7.67 -9.55
N SER A 129 -11.88 7.31 -9.11
CA SER A 129 -12.99 8.19 -9.06
C SER A 129 -12.61 9.56 -8.47
N PHE A 130 -11.67 9.58 -7.56
CA PHE A 130 -11.28 10.82 -6.93
C PHE A 130 -10.58 11.74 -7.94
N ILE A 131 -9.71 11.21 -8.74
CA ILE A 131 -9.05 11.97 -9.77
C ILE A 131 -10.05 12.67 -10.71
N ARG A 132 -11.08 11.97 -11.11
CA ARG A 132 -12.11 12.48 -11.99
C ARG A 132 -13.14 13.41 -11.35
N SER A 133 -13.08 13.56 -10.05
CA SER A 133 -13.92 14.51 -9.32
C SER A 133 -13.37 15.93 -9.48
N GLN A 134 -14.21 16.78 -10.04
CA GLN A 134 -13.71 18.09 -10.44
C GLN A 134 -14.46 19.26 -9.79
N ASN A 135 -15.47 18.97 -8.98
CA ASN A 135 -16.24 20.02 -8.33
C ASN A 135 -16.98 19.46 -7.12
N LYS A 136 -17.76 20.34 -6.48
CA LYS A 136 -18.42 20.00 -5.22
C LYS A 136 -19.53 18.95 -5.39
N GLU A 137 -20.16 18.90 -6.55
CA GLU A 137 -21.16 17.87 -6.83
C GLU A 137 -20.49 16.50 -6.93
N ASP A 138 -19.42 16.42 -7.71
CA ASP A 138 -18.65 15.18 -7.84
C ASP A 138 -18.15 14.71 -6.49
N TYR A 139 -17.67 15.66 -5.70
CA TYR A 139 -17.13 15.38 -4.37
C TYR A 139 -18.17 14.77 -3.45
N ALA A 140 -19.38 15.32 -3.48
CA ALA A 140 -20.48 14.77 -2.70
C ALA A 140 -20.74 13.31 -3.09
N GLY A 141 -20.79 13.04 -4.40
CA GLY A 141 -21.02 11.68 -4.87
C GLY A 141 -19.88 10.75 -4.49
N LEU A 142 -18.67 11.26 -4.59
CA LEU A 142 -17.48 10.49 -4.25
C LEU A 142 -17.49 10.05 -2.78
N LYS A 143 -17.82 10.98 -1.88
CA LYS A 143 -17.87 10.64 -0.46
C LYS A 143 -18.87 9.52 -0.17
N GLU A 144 -20.00 9.53 -0.87
CA GLU A 144 -21.01 8.50 -0.66
C GLU A 144 -20.51 7.14 -1.12
N GLU A 145 -19.73 7.13 -2.19
CA GLU A 145 -19.16 5.87 -2.68
C GLU A 145 -18.22 5.28 -1.65
N PHE A 146 -17.37 6.12 -1.06
CA PHE A 146 -16.49 5.66 -0.02
C PHE A 146 -17.26 5.18 1.21
N ARG A 147 -18.31 5.90 1.60
CA ARG A 147 -19.09 5.51 2.77
C ARG A 147 -19.71 4.14 2.61
N LYS A 148 -20.21 3.83 1.42
CA LYS A 148 -20.79 2.51 1.18
C LYS A 148 -19.78 1.38 1.39
N GLU A 149 -18.58 1.55 0.86
CA GLU A 149 -17.54 0.52 1.05
C GLU A 149 -17.08 0.45 2.50
N PHE A 150 -16.95 1.60 3.17
CA PHE A 150 -16.47 1.60 4.56
C PHE A 150 -17.46 0.89 5.49
N THR A 151 -18.75 0.94 5.16
CA THR A 151 -19.77 0.25 5.94
C THR A 151 -19.55 -1.27 5.93
N LYS A 152 -19.13 -1.82 4.80
CA LYS A 152 -18.80 -3.24 4.73
C LYS A 152 -17.73 -3.59 5.77
N LEU A 153 -16.75 -2.71 5.92
CA LEU A 153 -15.63 -2.95 6.82
C LEU A 153 -16.04 -2.75 8.27
N GLU A 154 -16.86 -1.73 8.50
CA GLU A 154 -17.37 -1.47 9.85
C GLU A 154 -18.10 -2.69 10.40
N GLU A 155 -18.86 -3.38 9.55
CA GLU A 155 -19.60 -4.55 9.99
C GLU A 155 -18.70 -5.66 10.51
N VAL A 156 -17.52 -5.81 9.90
CA VAL A 156 -16.59 -6.83 10.36
C VAL A 156 -16.11 -6.50 11.77
N LEU A 157 -15.70 -5.26 12.00
CA LEU A 157 -15.26 -4.87 13.33
C LEU A 157 -16.40 -4.99 14.37
N THR A 158 -17.62 -4.68 13.94
CA THR A 158 -18.77 -4.73 14.85
C THR A 158 -19.02 -6.12 15.42
N ASN A 159 -18.93 -7.15 14.59
CA ASN A 159 -19.17 -8.50 15.10
CA ASN A 159 -19.14 -8.53 15.00
C ASN A 159 -17.97 -9.05 15.84
N LYS A 160 -16.77 -8.81 15.32
CA LYS A 160 -15.55 -9.34 15.94
C LYS A 160 -15.24 -8.64 17.25
N LYS A 161 -15.58 -7.36 17.32
CA LYS A 161 -15.28 -6.53 18.48
C LYS A 161 -13.80 -6.60 18.84
N THR A 162 -12.95 -6.66 17.83
CA THR A 162 -11.51 -6.67 18.02
C THR A 162 -10.90 -5.35 17.57
N THR A 163 -9.71 -5.07 18.09
CA THR A 163 -9.03 -3.82 17.80
C THR A 163 -8.67 -3.72 16.30
N PHE A 164 -8.28 -4.84 15.70
CA PHE A 164 -7.87 -4.87 14.29
C PHE A 164 -8.71 -5.86 13.50
N PHE A 165 -8.53 -5.89 12.19
CA PHE A 165 -9.37 -6.74 11.35
C PHE A 165 -9.13 -8.23 11.47
N GLY A 166 -7.96 -8.62 11.97
CA GLY A 166 -7.66 -10.03 12.16
C GLY A 166 -7.63 -10.45 13.61
N GLY A 167 -7.94 -9.53 14.52
CA GLY A 167 -7.91 -9.85 15.94
C GLY A 167 -7.45 -8.65 16.74
N ASN A 168 -6.98 -8.88 17.97
CA ASN A 168 -6.49 -7.77 18.80
C ASN A 168 -5.08 -7.36 18.42
N SER A 169 -4.36 -8.25 17.75
CA SER A 169 -3.02 -7.94 17.27
C SER A 169 -3.11 -7.52 15.80
N ILE A 170 -2.36 -6.48 15.43
CA ILE A 170 -2.28 -6.08 14.02
C ILE A 170 -1.75 -7.25 13.20
N SER A 171 -2.27 -7.44 11.99
CA SER A 171 -1.84 -8.56 11.16
C SER A 171 -1.90 -8.19 9.68
N MET A 172 -1.70 -9.18 8.82
CA MET A 172 -1.56 -8.93 7.39
C MET A 172 -2.67 -8.07 6.80
N ILE A 173 -3.91 -8.41 7.11
CA ILE A 173 -5.02 -7.71 6.48
C ILE A 173 -5.00 -6.21 6.79
N ASP A 174 -4.59 -5.83 8.01
CA ASP A 174 -4.52 -4.42 8.36
C ASP A 174 -3.51 -3.70 7.49
N TYR A 175 -2.34 -4.30 7.31
CA TYR A 175 -1.32 -3.69 6.47
C TYR A 175 -1.74 -3.63 5.02
N LEU A 176 -2.53 -4.61 4.54
CA LEU A 176 -2.96 -4.58 3.15
C LEU A 176 -3.94 -3.46 2.86
N ILE A 177 -4.75 -3.06 3.83
CA ILE A 177 -5.75 -2.06 3.53
C ILE A 177 -5.28 -0.67 3.96
N TRP A 178 -4.32 -0.59 4.90
CA TRP A 178 -3.90 0.69 5.46
C TRP A 178 -3.52 1.80 4.44
N PRO A 179 -2.75 1.50 3.39
CA PRO A 179 -2.25 2.62 2.58
C PRO A 179 -3.36 3.53 2.02
N TRP A 180 -4.54 2.97 1.73
CA TRP A 180 -5.62 3.80 1.20
C TRP A 180 -6.27 4.66 2.30
N PHE A 181 -6.29 4.17 3.52
CA PHE A 181 -6.75 5.00 4.64
C PHE A 181 -5.76 6.09 5.01
N GLU A 182 -4.47 5.81 4.88
CA GLU A 182 -3.43 6.81 5.11
C GLU A 182 -3.68 8.07 4.30
N ARG A 183 -4.16 7.90 3.08
CA ARG A 183 -4.30 9.00 2.13
C ARG A 183 -5.65 9.73 2.22
N LEU A 184 -6.57 9.26 3.06
CA LEU A 184 -7.90 9.87 3.12
C LEU A 184 -7.85 11.35 3.52
N GLU A 185 -7.03 11.68 4.51
CA GLU A 185 -6.92 13.06 4.98
C GLU A 185 -6.53 13.99 3.83
N ALA A 186 -5.47 13.62 3.11
CA ALA A 186 -4.96 14.44 2.02
C ALA A 186 -5.98 14.58 0.89
N MET A 187 -6.83 13.57 0.72
CA MET A 187 -7.85 13.58 -0.31
C MET A 187 -9.11 14.32 0.12
N LYS A 188 -9.13 14.76 1.38
CA LYS A 188 -10.29 15.42 2.00
C LYS A 188 -11.49 14.48 2.04
N LEU A 189 -11.22 13.21 2.34
CA LEU A 189 -12.24 12.19 2.46
C LEU A 189 -12.31 11.63 3.86
N ASN A 190 -11.73 12.35 4.82
CA ASN A 190 -11.69 11.83 6.18
C ASN A 190 -13.06 11.84 6.86
N GLU A 191 -14.01 12.59 6.29
CA GLU A 191 -15.36 12.59 6.83
C GLU A 191 -16.13 11.33 6.42
N CYS A 192 -15.54 10.53 5.54
CA CYS A 192 -16.20 9.31 5.06
C CYS A 192 -16.24 8.22 6.12
N VAL A 193 -15.52 8.43 7.23
CA VAL A 193 -15.53 7.44 8.31
C VAL A 193 -16.31 7.91 9.54
N ASP A 194 -16.97 9.07 9.45
CA ASP A 194 -17.67 9.60 10.62
C ASP A 194 -18.91 8.79 11.01
N HIS A 195 -19.42 7.97 10.10
CA HIS A 195 -20.55 7.10 10.44
C HIS A 195 -20.10 5.64 10.55
N THR A 196 -18.79 5.43 10.59
CA THR A 196 -18.20 4.12 10.85
C THR A 196 -17.23 4.26 12.03
N PRO A 197 -17.76 4.30 13.24
CA PRO A 197 -16.96 4.64 14.42
C PRO A 197 -15.85 3.65 14.76
N LYS A 198 -16.09 2.35 14.58
CA LYS A 198 -15.03 1.39 14.88
C LYS A 198 -13.89 1.51 13.87
N LEU A 199 -14.23 1.82 12.62
CA LEU A 199 -13.24 1.99 11.57
C LEU A 199 -12.41 3.23 11.86
N LYS A 200 -13.04 4.27 12.37
CA LYS A 200 -12.33 5.49 12.72
C LYS A 200 -11.33 5.23 13.86
N LEU A 201 -11.75 4.47 14.86
CA LEU A 201 -10.85 4.07 15.94
C LEU A 201 -9.71 3.18 15.44
N TRP A 202 -10.01 2.29 14.50
CA TRP A 202 -8.98 1.46 13.87
C TRP A 202 -7.92 2.33 13.21
N MET A 203 -8.31 3.41 12.54
CA MET A 203 -7.32 4.29 11.92
C MET A 203 -6.36 4.88 12.97
N ALA A 204 -6.90 5.27 14.11
CA ALA A 204 -6.07 5.81 15.18
C ALA A 204 -5.12 4.76 15.75
N ALA A 205 -5.60 3.53 15.90
CA ALA A 205 -4.76 2.44 16.38
C ALA A 205 -3.65 2.12 15.37
N MET A 206 -3.96 2.19 14.08
CA MET A 206 -2.97 1.91 13.06
C MET A 206 -1.84 2.93 13.12
N LYS A 207 -2.18 4.20 13.31
CA LYS A 207 -1.13 5.22 13.31
C LYS A 207 -0.17 5.07 14.49
N GLU A 208 -0.60 4.34 15.51
CA GLU A 208 0.24 4.06 16.69
C GLU A 208 1.16 2.86 16.48
N ASP A 209 0.90 2.06 15.47
CA ASP A 209 1.69 0.87 15.23
C ASP A 209 3.11 1.26 14.83
N PRO A 210 4.13 0.63 15.42
CA PRO A 210 5.50 1.03 15.10
C PRO A 210 5.83 0.91 13.61
N THR A 211 5.35 -0.12 12.94
CA THR A 211 5.64 -0.27 11.52
C THR A 211 4.92 0.79 10.68
N VAL A 212 3.63 0.98 10.94
CA VAL A 212 2.88 2.03 10.22
C VAL A 212 3.51 3.38 10.44
N SER A 213 3.78 3.72 11.69
CA SER A 213 4.32 5.02 12.04
C SER A 213 5.62 5.29 11.29
N ALA A 214 6.47 4.29 11.20
CA ALA A 214 7.78 4.42 10.58
C ALA A 214 7.69 4.72 9.09
N LEU A 215 6.58 4.33 8.45
CA LEU A 215 6.44 4.48 7.00
C LEU A 215 5.43 5.53 6.57
N LEU A 216 4.76 6.17 7.52
CA LEU A 216 3.76 7.17 7.18
C LEU A 216 4.38 8.35 6.44
N THR A 217 3.70 8.79 5.39
CA THR A 217 4.05 10.00 4.65
C THR A 217 3.12 11.16 5.02
N SER A 218 3.69 12.33 5.23
CA SER A 218 2.88 13.51 5.60
C SER A 218 1.92 13.95 4.49
N GLU A 219 0.85 14.65 4.89
CA GLU A 219 -0.13 15.17 3.93
C GLU A 219 0.52 16.10 2.90
N LYS A 220 1.36 17.02 3.37
CA LYS A 220 2.02 17.95 2.47
C LYS A 220 2.86 17.23 1.42
N ASP A 221 3.57 16.17 1.84
CA ASP A 221 4.39 15.41 0.90
C ASP A 221 3.52 14.69 -0.14
N TRP A 222 2.44 14.07 0.29
CA TRP A 222 1.59 13.36 -0.66
C TRP A 222 0.90 14.34 -1.61
N GLN A 223 0.53 15.48 -1.07
CA GLN A 223 -0.02 16.58 -1.87
C GLN A 223 0.93 17.00 -2.97
N GLY A 224 2.21 17.12 -2.61
CA GLY A 224 3.25 17.49 -3.55
C GLY A 224 3.33 16.49 -4.69
N PHE A 225 3.36 15.22 -4.32
CA PHE A 225 3.36 14.16 -5.30
C PHE A 225 2.11 14.23 -6.20
N LEU A 226 0.94 14.37 -5.60
CA LEU A 226 -0.30 14.30 -6.37
C LEU A 226 -0.38 15.39 -7.44
N GLU A 227 0.01 16.61 -7.06
CA GLU A 227 -0.04 17.74 -7.98
C GLU A 227 0.79 17.46 -9.23
N LEU A 228 1.95 16.84 -9.04
CA LEU A 228 2.81 16.52 -10.15
C LEU A 228 2.30 15.29 -10.91
N TYR A 229 1.81 14.31 -10.17
CA TYR A 229 1.34 13.05 -10.77
C TYR A 229 0.18 13.30 -11.72
N LEU A 230 -0.71 14.20 -11.34
CA LEU A 230 -1.92 14.49 -12.12
C LEU A 230 -1.62 15.18 -13.45
N GLN A 231 -0.35 15.46 -13.70
CA GLN A 231 0.06 16.14 -14.93
C GLN A 231 1.07 15.32 -15.70
N ASN A 232 1.21 14.06 -15.31
CA ASN A 232 2.20 13.16 -15.90
C ASN A 232 3.60 13.73 -15.86
N SER A 233 3.92 14.41 -14.75
CA SER A 233 5.24 14.99 -14.59
C SER A 233 6.28 13.92 -14.38
N PRO A 234 7.39 13.99 -15.14
CA PRO A 234 8.49 13.05 -14.90
C PRO A 234 9.16 13.25 -13.53
N GLU A 235 8.78 14.29 -12.80
CA GLU A 235 9.40 14.57 -11.51
C GLU A 235 8.50 14.16 -10.32
N ALA A 236 7.31 13.65 -10.61
CA ALA A 236 6.35 13.36 -9.54
C ALA A 236 6.87 12.36 -8.51
N CYS A 237 7.43 11.26 -9.00
CA CYS A 237 7.86 10.18 -8.12
CA CYS A 237 7.87 10.18 -8.12
C CYS A 237 9.02 10.62 -7.23
N ASP A 238 9.76 11.64 -7.66
CA ASP A 238 10.88 12.12 -6.89
C ASP A 238 10.59 13.40 -6.11
N TYR A 239 9.32 13.67 -5.83
CA TYR A 239 8.96 14.87 -5.08
C TYR A 239 9.74 14.94 -3.78
N GLY A 240 10.33 16.11 -3.51
CA GLY A 240 11.09 16.31 -2.29
C GLY A 240 12.58 16.00 -2.42
N LEU A 241 12.99 15.37 -3.51
CA LEU A 241 14.40 15.01 -3.70
C LEU A 241 15.11 15.93 -4.68
N1 GSH B . -2.53 -4.94 -8.83
CA1 GSH B . -1.23 -4.34 -8.60
C1 GSH B . -0.68 -4.75 -7.25
O11 GSH B . 0.51 -4.71 -7.08
O12 GSH B . -1.50 -5.10 -6.44
CB1 GSH B . -1.37 -2.84 -8.80
CG1 GSH B . -0.04 -2.10 -8.76
CD1 GSH B . -0.10 -0.70 -9.32
OE1 GSH B . -1.07 -0.37 -9.91
N2 GSH B . 0.93 0.07 -9.12
CA2 GSH B . 1.01 1.36 -9.76
C2 GSH B . 1.88 1.36 -10.98
O2 GSH B . 2.85 0.76 -11.00
CB2 GSH B . 1.59 2.42 -8.82
SG2 GSH B . 0.83 2.60 -7.19
N3 GSH B . 1.47 2.13 -11.95
CA3 GSH B . 2.18 2.31 -13.18
C3 GSH B . 1.25 2.17 -14.37
O31 GSH B . 1.76 2.19 -15.45
O32 GSH B . 0.08 2.01 -14.21
S SO4 C . 11.69 1.47 3.15
O1 SO4 C . 12.65 0.55 3.35
O2 SO4 C . 11.90 2.14 1.95
O3 SO4 C . 10.42 0.96 3.21
O4 SO4 C . 11.83 2.44 4.22
S SO4 D . 19.09 -15.11 0.45
O1 SO4 D . 19.49 -16.51 0.41
O2 SO4 D . 20.07 -14.32 -0.29
O3 SO4 D . 19.02 -14.63 1.83
O4 SO4 D . 17.78 -14.94 -0.17
S SO4 E . 10.95 7.08 1.68
O1 SO4 E . 10.29 8.39 1.56
O2 SO4 E . 12.12 7.06 0.78
O3 SO4 E . 9.99 6.02 1.36
O4 SO4 E . 11.43 6.90 3.05
C ACT F . -4.49 -11.63 2.26
O ACT F . -3.36 -12.17 2.24
OXT ACT F . -5.03 -11.44 1.14
CH3 ACT F . -5.15 -11.25 3.55
#